data_5WXS
#
_entry.id   5WXS
#
_cell.length_a   120.435
_cell.length_b   120.435
_cell.length_c   42.040
_cell.angle_alpha   90.00
_cell.angle_beta   90.00
_cell.angle_gamma   120.00
#
_symmetry.space_group_name_H-M   'H 3'
#
loop_
_entity.id
_entity.type
_entity.pdbx_description
1 polymer 'Urokinase-type plasminogen activator chain B'
2 non-polymer (2R)-N-[2-[[(2S)-5-carbamimidamido-1-oxidanylidene-pentan-2-yl]amino]-2-oxidanylidene-ethyl]-5-oxidanylidene-1,2-dihydropyrrole-2-carboxamide
3 water water
#
_entity_poly.entity_id   1
_entity_poly.type   'polypeptide(L)'
_entity_poly.pdbx_seq_one_letter_code
;IIGGEFTTIENQPWFAAIYRRHRGGSVTYVCGGSLISPCWVISATHCFIDYPKKEDYIVYLGRSRLNSNTQGEMKFEVEN
LILHKDYSADTLAHHNDIALLKIRSKEGRCAQPSRTIQTIALPSMYNDPQFGTSCEITGFGKEQSTDYLYPEQLKMTVVK
LISHRECQQPHYYGSEVTTKMLCAADPQWKTDSCQGDSGGPLVCSLQGRMTLTGIVSWGRGCALKDKPGVYTRVSHFLPW
IRSHTKEENGLAL
;
_entity_poly.pdbx_strand_id   U
#
loop_
_chem_comp.id
_chem_comp.type
_chem_comp.name
_chem_comp.formula
7YF peptide-like (2R)-N-[2-[[(2S)-5-carbamimidamido-1-oxidanylidene-pentan-2-yl]amino]-2-oxidanylidene-ethyl]-5-oxidanylidene-1,2-dihydropyrrole-2-carboxamide 'C13 H20 N6 O4'
#
# COMPACT_ATOMS: atom_id res chain seq x y z
N ILE A 1 4.67 -9.25 -4.28
CA ILE A 1 6.00 -9.27 -3.60
C ILE A 1 6.92 -10.30 -4.24
N ILE A 2 8.09 -9.83 -4.68
CA ILE A 2 9.17 -10.69 -5.16
C ILE A 2 10.02 -11.14 -3.98
N GLY A 3 10.33 -12.44 -3.90
CA GLY A 3 10.98 -12.99 -2.71
C GLY A 3 10.20 -12.77 -1.43
N GLY A 4 10.90 -12.52 -0.34
CA GLY A 4 10.26 -12.36 0.97
C GLY A 4 9.62 -13.66 1.35
N GLU A 5 8.54 -13.61 2.09
CA GLU A 5 7.99 -14.82 2.61
C GLU A 5 6.50 -14.70 2.63
N PHE A 6 5.82 -15.85 2.69
CA PHE A 6 4.39 -15.90 3.00
C PHE A 6 4.18 -15.57 4.48
N THR A 7 2.98 -15.10 4.79
CA THR A 7 2.65 -14.62 6.11
C THR A 7 1.15 -14.71 6.21
N THR A 8 0.61 -14.22 7.32
CA THR A 8 -0.81 -14.23 7.60
C THR A 8 -1.17 -12.82 8.06
N ILE A 9 -2.47 -12.53 8.07
CA ILE A 9 -2.94 -11.20 8.37
C ILE A 9 -2.52 -10.74 9.78
N GLU A 10 -2.36 -11.70 10.69
CA GLU A 10 -1.94 -11.40 12.06
C GLU A 10 -0.59 -10.70 12.10
N ASN A 11 0.26 -10.95 11.11
CA ASN A 11 1.56 -10.24 11.08
C ASN A 11 1.50 -8.88 10.40
N GLN A 12 0.34 -8.51 9.90
CA GLN A 12 0.17 -7.23 9.22
C GLN A 12 -1.31 -6.85 9.35
N PRO A 13 -1.81 -6.75 10.59
CA PRO A 13 -3.23 -6.67 10.83
C PRO A 13 -3.91 -5.41 10.34
N TRP A 14 -3.12 -4.46 9.89
CA TRP A 14 -3.66 -3.26 9.22
C TRP A 14 -3.87 -3.40 7.70
N PHE A 15 -3.41 -4.51 7.09
CA PHE A 15 -3.50 -4.65 5.63
C PHE A 15 -4.94 -4.80 5.19
N ALA A 16 -5.35 -4.04 4.18
CA ALA A 16 -6.73 -4.05 3.65
C ALA A 16 -6.65 -4.59 2.23
N ALA A 17 -7.56 -5.49 1.89
CA ALA A 17 -7.53 -6.10 0.59
C ALA A 17 -8.67 -5.49 -0.17
N ILE A 18 -8.35 -4.84 -1.30
CA ILE A 18 -9.36 -4.03 -1.99
C ILE A 18 -9.69 -4.63 -3.34
N TYR A 19 -10.97 -4.92 -3.55
CA TYR A 19 -11.44 -5.60 -4.77
C TYR A 19 -12.41 -4.70 -5.55
N ARG A 20 -12.60 -4.96 -6.83
CA ARG A 20 -13.61 -4.27 -7.61
C ARG A 20 -14.67 -5.21 -8.15
N ARG A 21 -15.93 -4.86 -7.94
CA ARG A 21 -17.06 -5.54 -8.53
C ARG A 21 -17.09 -5.30 -10.01
N HIS A 22 -17.32 -6.34 -10.78
CA HIS A 22 -17.36 -6.18 -12.20
C HIS A 22 -18.78 -6.31 -12.72
N ARG A 23 -19.16 -5.37 -13.58
CA ARG A 23 -20.50 -5.30 -14.06
C ARG A 23 -20.71 -6.57 -14.81
N GLY A 24 -21.78 -7.27 -14.48
CA GLY A 24 -21.91 -8.68 -14.78
C GLY A 24 -21.51 -9.64 -13.68
N GLY A 25 -21.23 -9.11 -12.49
CA GLY A 25 -21.09 -9.89 -11.28
C GLY A 25 -19.76 -10.50 -10.84
N SER A 26 -18.72 -10.40 -11.66
CA SER A 26 -17.42 -10.91 -11.27
C SER A 26 -16.63 -9.91 -10.43
N VAL A 27 -15.85 -10.41 -9.48
CA VAL A 27 -15.03 -9.58 -8.60
C VAL A 27 -13.55 -9.90 -8.67
N THR A 28 -12.73 -8.88 -8.85
CA THR A 28 -11.29 -9.06 -8.94
C THR A 28 -10.50 -8.14 -8.07
N TYR A 29 -9.30 -8.56 -7.73
CA TYR A 29 -8.46 -7.84 -6.82
C TYR A 29 -7.88 -6.62 -7.44
N VAL A 30 -8.00 -5.49 -6.75
CA VAL A 30 -7.45 -4.21 -7.22
C VAL A 30 -6.11 -3.87 -6.57
N CYS A 31 -6.08 -3.71 -5.24
CA CYS A 31 -4.92 -3.16 -4.58
C CYS A 31 -4.97 -3.38 -3.07
N GLY A 32 -3.84 -3.19 -2.40
CA GLY A 32 -3.83 -3.20 -0.97
C GLY A 32 -4.17 -1.81 -0.41
N GLY A 33 -4.22 -1.76 0.91
CA GLY A 33 -4.49 -0.54 1.63
C GLY A 33 -4.11 -0.78 3.07
N SER A 34 -4.20 0.28 3.90
CA SER A 34 -3.86 0.18 5.32
C SER A 34 -4.90 0.86 6.19
N LEU A 35 -5.21 0.21 7.30
CA LEU A 35 -6.23 0.71 8.19
C LEU A 35 -5.63 1.70 9.15
N ILE A 36 -5.80 2.99 8.88
CA ILE A 36 -5.18 4.03 9.75
C ILE A 36 -6.08 4.48 10.90
N SER A 37 -7.37 4.15 10.83
CA SER A 37 -8.34 4.44 11.90
C SER A 37 -9.52 3.50 11.72
N PRO A 38 -10.42 3.44 12.71
CA PRO A 38 -11.48 2.46 12.52
C PRO A 38 -12.26 2.55 11.20
N CYS A 39 -12.49 3.75 10.69
CA CYS A 39 -13.36 3.92 9.51
C CYS A 39 -12.61 4.26 8.27
N TRP A 40 -11.28 4.25 8.33
CA TRP A 40 -10.52 4.78 7.22
C TRP A 40 -9.40 3.84 6.82
N VAL A 41 -9.28 3.63 5.51
CA VAL A 41 -8.21 2.88 4.92
C VAL A 41 -7.54 3.79 3.94
N ILE A 42 -6.21 3.78 3.94
CA ILE A 42 -5.39 4.60 3.05
C ILE A 42 -4.73 3.71 1.99
N SER A 43 -4.69 4.21 0.76
CA SER A 43 -4.16 3.48 -0.38
C SER A 43 -3.61 4.50 -1.40
N ALA A 44 -3.46 4.03 -2.65
CA ALA A 44 -2.87 4.81 -3.75
C ALA A 44 -3.95 5.21 -4.78
N THR A 45 -3.94 6.48 -5.16
CA THR A 45 -4.93 6.99 -6.12
C THR A 45 -4.93 6.20 -7.41
N HIS A 46 -3.76 5.83 -7.92
CA HIS A 46 -3.74 5.19 -9.25
C HIS A 46 -4.46 3.87 -9.27
N CYS A 47 -4.68 3.30 -8.08
CA CYS A 47 -5.41 2.06 -8.00
C CYS A 47 -6.81 2.26 -8.54
N PHE A 48 -7.34 3.45 -8.32
CA PHE A 48 -8.73 3.74 -8.61
C PHE A 48 -9.01 4.69 -9.76
N ILE A 49 -7.99 5.12 -10.47
CA ILE A 49 -8.13 6.20 -11.41
C ILE A 49 -9.06 5.89 -12.57
N ASP A 50 -8.96 4.71 -13.13
CA ASP A 50 -9.81 4.28 -14.21
C ASP A 50 -11.25 3.95 -13.87
N TYR A 51 -11.56 3.72 -12.59
CA TYR A 51 -12.93 3.48 -12.13
C TYR A 51 -13.29 4.21 -10.85
N PRO A 52 -13.54 5.58 -10.97
CA PRO A 52 -13.66 6.28 -9.68
C PRO A 52 -14.92 6.12 -8.88
N LYS A 53 -15.85 5.30 -9.32
CA LYS A 53 -17.06 4.98 -8.58
C LYS A 53 -16.81 4.26 -7.25
N LYS A 54 -17.10 4.89 -6.14
CA LYS A 54 -16.92 4.22 -4.88
C LYS A 54 -17.73 2.96 -4.78
N GLU A 55 -18.86 2.89 -5.45
CA GLU A 55 -19.73 1.73 -5.36
C GLU A 55 -19.13 0.47 -5.93
N ASP A 56 -18.13 0.62 -6.77
CA ASP A 56 -17.47 -0.50 -7.39
C ASP A 56 -16.57 -1.32 -6.50
N TYR A 57 -16.27 -0.85 -5.31
CA TYR A 57 -15.25 -1.48 -4.49
C TYR A 57 -15.72 -2.17 -3.25
N ILE A 58 -15.01 -3.19 -2.86
CA ILE A 58 -15.20 -3.83 -1.58
C ILE A 58 -13.83 -3.86 -0.88
N VAL A 59 -13.85 -3.66 0.44
CA VAL A 59 -12.65 -3.73 1.25
C VAL A 59 -12.78 -4.84 2.28
N TYR A 60 -11.82 -5.75 2.30
CA TYR A 60 -11.76 -6.74 3.36
C TYR A 60 -10.65 -6.35 4.30
N LEU A 61 -10.87 -6.64 5.57
CA LEU A 61 -9.86 -6.57 6.61
C LEU A 61 -9.79 -7.94 7.27
N GLY A 62 -8.66 -8.26 7.87
CA GLY A 62 -8.51 -9.54 8.56
C GLY A 62 -8.40 -10.71 7.60
N ARG A 63 -7.97 -10.43 6.37
CA ARG A 63 -7.95 -11.42 5.28
C ARG A 63 -6.53 -11.82 4.86
N SER A 64 -6.22 -13.10 4.99
CA SER A 64 -4.92 -13.68 4.68
C SER A 64 -4.82 -14.24 3.27
N ARG A 65 -5.97 -14.46 2.62
CA ARG A 65 -5.99 -15.10 1.30
C ARG A 65 -6.81 -14.33 0.30
N LEU A 66 -6.39 -14.45 -0.95
CA LEU A 66 -6.84 -13.61 -2.05
C LEU A 66 -8.26 -13.90 -2.55
N ASN A 67 -8.57 -15.19 -2.72
CA ASN A 67 -9.79 -15.62 -3.41
C ASN A 67 -10.58 -16.63 -2.62
N SER A 68 -10.25 -16.72 -1.33
CA SER A 68 -10.87 -17.67 -0.40
C SER A 68 -10.97 -16.97 0.97
N ASN A 69 -11.88 -17.40 1.81
CA ASN A 69 -12.21 -16.69 3.01
C ASN A 69 -11.34 -17.04 4.19
N THR A 70 -10.99 -16.04 4.99
CA THR A 70 -10.17 -16.22 6.18
C THR A 70 -11.05 -16.04 7.37
N GLN A 71 -10.96 -16.90 8.37
CA GLN A 71 -11.80 -16.78 9.54
C GLN A 71 -11.51 -15.49 10.28
N GLY A 72 -12.56 -14.80 10.65
CA GLY A 72 -12.44 -13.51 11.28
C GLY A 72 -12.38 -12.30 10.37
N GLU A 73 -12.43 -12.50 9.07
CA GLU A 73 -12.37 -11.40 8.13
C GLU A 73 -13.62 -10.55 8.22
N MET A 74 -13.50 -9.28 7.94
CA MET A 74 -14.63 -8.38 7.95
C MET A 74 -14.70 -7.73 6.57
N LYS A 75 -15.89 -7.62 6.02
CA LYS A 75 -16.14 -7.04 4.70
C LYS A 75 -16.79 -5.67 4.75
N PHE A 76 -16.37 -4.72 3.92
CA PHE A 76 -16.89 -3.36 3.96
C PHE A 76 -17.19 -2.83 2.60
N GLU A 77 -18.03 -1.82 2.55
CA GLU A 77 -18.21 -1.05 1.34
C GLU A 77 -17.58 0.30 1.54
N VAL A 78 -17.44 1.03 0.44
CA VAL A 78 -16.79 2.34 0.44
C VAL A 78 -17.83 3.43 0.47
N GLU A 79 -17.88 4.14 1.58
CA GLU A 79 -18.80 5.24 1.79
C GLU A 79 -18.23 6.51 1.20
N ASN A 80 -16.91 6.60 1.14
CA ASN A 80 -16.23 7.75 0.57
C ASN A 80 -14.91 7.36 -0.07
N LEU A 81 -14.75 7.67 -1.36
CA LEU A 81 -13.50 7.40 -2.11
C LEU A 81 -12.80 8.68 -2.51
N ILE A 82 -11.75 9.02 -1.76
CA ILE A 82 -11.09 10.30 -1.90
C ILE A 82 -9.78 10.12 -2.64
N LEU A 83 -9.73 10.62 -3.86
CA LEU A 83 -8.52 10.64 -4.67
C LEU A 83 -7.87 12.00 -4.59
N HIS A 84 -6.54 12.03 -4.60
CA HIS A 84 -5.80 13.29 -4.48
C HIS A 84 -5.96 14.15 -5.74
N LYS A 85 -6.50 15.35 -5.55
CA LYS A 85 -6.74 16.31 -6.64
C LYS A 85 -5.52 16.58 -7.55
N ASP A 86 -4.33 16.50 -6.96
CA ASP A 86 -3.07 16.71 -7.69
C ASP A 86 -2.40 15.44 -8.23
N TYR A 87 -3.11 14.33 -8.27
CA TYR A 87 -2.56 13.13 -8.92
C TYR A 87 -2.17 13.36 -10.39
N SER A 88 -0.92 13.02 -10.74
CA SER A 88 -0.48 12.88 -12.11
C SER A 88 0.49 11.73 -12.30
N ALA A 89 0.58 11.21 -13.50
CA ALA A 89 1.50 10.12 -13.78
C ALA A 89 2.12 10.11 -15.17
N ASP A 90 3.26 9.47 -15.28
CA ASP A 90 3.95 9.21 -16.53
C ASP A 90 3.75 7.77 -16.88
N THR A 91 4.50 7.28 -17.85
CA THR A 91 4.56 5.84 -18.13
C THR A 91 5.18 5.08 -16.98
N LEU A 92 5.97 5.80 -16.19
CA LEU A 92 6.74 5.24 -15.11
C LEU A 92 6.28 5.65 -13.73
N ALA A 93 6.34 6.94 -13.45
CA ALA A 93 6.23 7.44 -12.09
C ALA A 93 4.87 8.01 -11.77
N HIS A 94 4.46 7.89 -10.52
CA HIS A 94 3.17 8.40 -10.11
C HIS A 94 3.29 9.39 -8.97
N HIS A 95 2.62 10.52 -9.10
CA HIS A 95 2.77 11.65 -8.20
C HIS A 95 1.54 11.89 -7.35
N ASN A 96 1.72 12.23 -6.10
CA ASN A 96 0.57 12.37 -5.17
C ASN A 96 -0.31 11.11 -5.14
N ASP A 97 0.35 9.96 -5.21
CA ASP A 97 -0.34 8.69 -5.40
C ASP A 97 -0.82 8.20 -4.04
N ILE A 98 -1.92 8.82 -3.59
CA ILE A 98 -2.45 8.59 -2.26
C ILE A 98 -3.97 8.75 -2.29
N ALA A 99 -4.64 7.88 -1.57
CA ALA A 99 -6.09 7.83 -1.57
C ALA A 99 -6.60 7.36 -0.23
N LEU A 100 -7.85 7.71 0.05
CA LEU A 100 -8.51 7.29 1.26
C LEU A 100 -9.82 6.68 0.91
N LEU A 101 -10.17 5.66 1.66
CA LEU A 101 -11.43 5.03 1.51
C LEU A 101 -12.05 5.00 2.87
N LYS A 102 -13.30 5.38 2.96
CA LYS A 102 -13.99 5.37 4.23
C LYS A 102 -14.85 4.16 4.17
N ILE A 103 -14.67 3.27 5.10
CA ILE A 103 -15.39 2.03 5.11
C ILE A 103 -16.51 1.92 6.10
N ARG A 104 -17.54 1.23 5.68
CA ARG A 104 -18.67 0.98 6.53
C ARG A 104 -19.24 -0.36 6.17
N SER A 105 -19.66 -1.11 7.18
CA SER A 105 -20.27 -2.41 6.95
C SER A 105 -21.71 -2.20 6.57
N LYS A 106 -22.32 -3.19 5.99
CA LYS A 106 -23.72 -3.08 5.61
C LYS A 106 -24.46 -2.86 6.91
N GLU A 107 -23.98 -3.46 7.97
CA GLU A 107 -24.54 -3.30 9.28
C GLU A 107 -24.30 -1.87 9.73
N GLY A 108 -23.47 -1.14 8.99
CA GLY A 108 -23.15 0.25 9.27
C GLY A 108 -21.95 0.54 10.15
N ARG A 109 -21.17 -0.47 10.49
CA ARG A 109 -20.02 -0.28 11.38
C ARG A 109 -18.62 -0.22 10.80
N CYS A 110 -17.78 0.58 11.42
CA CYS A 110 -16.40 0.73 11.02
C CYS A 110 -15.69 -0.51 11.59
N ALA A 111 -14.43 -0.71 11.25
CA ALA A 111 -13.69 -1.88 11.70
C ALA A 111 -13.46 -2.01 13.21
N GLN A 112 -13.48 -3.25 13.70
CA GLN A 112 -13.22 -3.53 15.12
C GLN A 112 -12.01 -4.42 15.31
N PRO A 113 -11.03 -3.89 15.99
CA PRO A 113 -9.77 -4.60 16.25
C PRO A 113 -9.90 -5.97 16.94
N SER A 114 -9.09 -6.91 16.47
CA SER A 114 -9.13 -8.26 16.92
C SER A 114 -7.73 -8.86 16.79
N ARG A 115 -7.67 -10.17 16.74
CA ARG A 115 -6.48 -10.90 16.46
C ARG A 115 -5.97 -10.58 15.07
N THR A 116 -6.89 -10.33 14.16
CA THR A 116 -6.57 -10.21 12.75
C THR A 116 -6.68 -8.79 12.20
N ILE A 117 -7.11 -7.84 13.03
CA ILE A 117 -7.39 -6.47 12.57
C ILE A 117 -6.91 -5.46 13.60
N GLN A 118 -5.97 -4.61 13.16
CA GLN A 118 -5.47 -3.52 13.99
C GLN A 118 -5.27 -2.36 13.08
N THR A 119 -5.43 -1.17 13.64
CA THR A 119 -5.03 0.07 12.99
C THR A 119 -3.51 0.18 13.00
N ILE A 120 -2.96 0.97 12.08
CA ILE A 120 -1.52 1.28 12.08
C ILE A 120 -1.33 2.77 12.35
N ALA A 121 -0.26 3.13 13.04
CA ALA A 121 -0.02 4.53 13.38
C ALA A 121 0.53 5.31 12.20
N LEU A 122 0.07 6.54 12.06
CA LEU A 122 0.70 7.50 11.15
C LEU A 122 1.98 8.03 11.77
N PRO A 123 2.96 8.44 10.93
CA PRO A 123 4.11 9.14 11.48
C PRO A 123 3.76 10.58 11.82
N SER A 124 4.67 11.23 12.50
CA SER A 124 4.57 12.64 12.84
C SER A 124 5.01 13.44 11.65
N MET A 125 4.61 14.69 11.57
CA MET A 125 4.79 15.46 10.37
C MET A 125 6.24 15.47 9.96
N TYR A 126 6.49 15.11 8.71
CA TYR A 126 7.79 15.24 8.07
C TYR A 126 8.84 14.37 8.73
N ASN A 127 8.41 13.47 9.62
CA ASN A 127 9.28 12.55 10.35
C ASN A 127 9.35 11.14 9.74
N ASP A 128 10.42 10.90 8.95
CA ASP A 128 10.77 9.57 8.41
C ASP A 128 12.06 9.06 9.05
N PRO A 129 12.26 7.73 9.07
CA PRO A 129 13.54 7.20 9.59
C PRO A 129 14.70 7.42 8.62
N GLN A 130 15.92 7.18 9.07
CA GLN A 130 17.10 7.48 8.25
C GLN A 130 17.32 6.43 7.19
N PHE A 131 17.93 6.84 6.07
CA PHE A 131 18.36 5.87 5.06
C PHE A 131 19.13 4.74 5.73
N GLY A 132 19.06 3.55 5.15
CA GLY A 132 19.60 2.34 5.79
C GLY A 132 18.59 1.57 6.63
N THR A 133 17.54 2.24 7.12
CA THR A 133 16.55 1.58 7.97
C THR A 133 15.76 0.49 7.25
N SER A 134 15.56 -0.62 7.96
CA SER A 134 14.84 -1.78 7.43
C SER A 134 13.35 -1.66 7.74
N CYS A 135 12.56 -1.68 6.68
CA CYS A 135 11.11 -1.60 6.78
C CYS A 135 10.51 -2.83 6.12
N GLU A 136 9.21 -2.98 6.25
CA GLU A 136 8.59 -4.10 5.60
C GLU A 136 7.43 -3.69 4.75
N ILE A 137 7.26 -4.48 3.69
CA ILE A 137 6.21 -4.29 2.71
C ILE A 137 5.40 -5.59 2.63
N THR A 138 4.11 -5.46 2.33
CA THR A 138 3.17 -6.57 2.39
C THR A 138 2.22 -6.40 1.21
N GLY A 139 1.87 -7.52 0.60
CA GLY A 139 0.94 -7.47 -0.51
C GLY A 139 0.52 -8.83 -1.05
N PHE A 140 -0.53 -8.78 -1.88
CA PHE A 140 -0.97 -9.90 -2.69
C PHE A 140 -0.36 -9.81 -4.10
N GLY A 141 0.72 -9.06 -4.25
CA GLY A 141 1.28 -8.84 -5.56
C GLY A 141 2.08 -9.99 -6.12
N LYS A 142 2.28 -9.90 -7.43
CA LYS A 142 3.06 -10.87 -8.20
C LYS A 142 4.33 -11.29 -7.49
N GLU A 143 4.61 -12.59 -7.56
CA GLU A 143 5.82 -13.18 -7.01
C GLU A 143 7.00 -13.08 -7.97
N GLN A 144 6.69 -12.81 -9.25
CA GLN A 144 7.66 -12.41 -10.26
C GLN A 144 6.95 -11.60 -11.33
N SER A 145 7.67 -10.64 -11.90
CA SER A 145 7.08 -9.62 -12.78
C SER A 145 6.51 -10.16 -14.07
N THR A 146 6.87 -11.39 -14.45
CA THR A 146 6.31 -12.03 -15.64
C THR A 146 5.05 -12.86 -15.36
N ASP A 147 4.73 -13.06 -14.08
CA ASP A 147 3.58 -13.93 -13.72
C ASP A 147 2.26 -13.41 -14.24
N TYR A 148 1.35 -14.33 -14.49
CA TYR A 148 0.01 -14.02 -14.91
C TYR A 148 -0.91 -13.98 -13.71
N LEU A 149 -0.59 -14.75 -12.68
CA LEU A 149 -1.42 -14.85 -11.52
C LEU A 149 -0.82 -14.18 -10.29
N TYR A 150 -1.66 -13.84 -9.34
CA TYR A 150 -1.20 -13.33 -8.04
C TYR A 150 -1.18 -14.50 -7.10
N PRO A 151 -0.29 -14.48 -6.08
CA PRO A 151 -0.32 -15.56 -5.10
C PRO A 151 -1.65 -15.54 -4.36
N GLU A 152 -2.02 -16.66 -3.79
CA GLU A 152 -3.23 -16.82 -3.03
C GLU A 152 -3.04 -16.52 -1.55
N GLN A 153 -1.80 -16.46 -1.11
CA GLN A 153 -1.51 -16.20 0.27
C GLN A 153 -0.75 -14.86 0.35
N LEU A 154 -1.04 -14.13 1.42
CA LEU A 154 -0.42 -12.83 1.66
C LEU A 154 1.09 -13.03 1.79
N LYS A 155 1.88 -12.08 1.33
CA LYS A 155 3.36 -12.17 1.51
C LYS A 155 3.89 -10.89 2.12
N MET A 156 5.07 -10.95 2.70
CA MET A 156 5.77 -9.77 3.16
C MET A 156 7.23 -9.95 2.90
N THR A 157 7.98 -8.85 2.90
CA THR A 157 9.41 -8.94 2.85
C THR A 157 9.96 -7.70 3.53
N VAL A 158 11.29 -7.61 3.55
CA VAL A 158 11.99 -6.50 4.20
C VAL A 158 12.81 -5.77 3.13
N VAL A 159 12.76 -4.44 3.17
CA VAL A 159 13.59 -3.61 2.32
C VAL A 159 14.12 -2.46 3.17
N LYS A 160 15.21 -1.87 2.70
CA LYS A 160 15.88 -0.78 3.40
C LYS A 160 15.62 0.53 2.68
N LEU A 161 15.24 1.56 3.45
CA LEU A 161 15.12 2.93 2.95
C LEU A 161 16.37 3.45 2.26
N ILE A 162 16.19 3.99 1.07
CA ILE A 162 17.26 4.61 0.31
C ILE A 162 17.17 6.14 0.45
N SER A 163 18.30 6.81 0.27
CA SER A 163 18.39 8.28 0.22
C SER A 163 17.82 8.91 -1.05
N HIS A 164 17.24 10.07 -0.89
CA HIS A 164 16.76 10.81 -2.03
C HIS A 164 17.90 11.20 -2.91
N ARG A 165 18.99 11.58 -2.30
CA ARG A 165 20.13 11.99 -3.06
C ARG A 165 20.57 10.81 -3.90
N GLU A 166 20.44 9.63 -3.31
CA GLU A 166 20.67 8.37 -3.97
C GLU A 166 19.55 7.89 -4.91
N CYS A 167 18.30 8.04 -4.54
CA CYS A 167 17.34 7.60 -5.52
C CYS A 167 17.33 8.52 -6.70
N GLN A 168 17.88 9.70 -6.47
CA GLN A 168 18.03 10.72 -7.49
C GLN A 168 19.02 10.33 -8.59
N GLN A 169 19.96 9.46 -8.27
CA GLN A 169 20.99 9.12 -9.22
C GLN A 169 20.48 8.69 -10.56
N PRO A 170 21.25 9.16 -11.60
CA PRO A 170 20.77 8.81 -12.94
C PRO A 170 20.64 7.33 -13.16
N HIS A 171 21.53 6.55 -12.60
CA HIS A 171 21.47 5.13 -12.79
C HIS A 171 20.11 4.68 -12.24
N TYR A 172 19.60 5.43 -11.27
CA TYR A 172 18.33 5.09 -10.66
C TYR A 172 17.14 5.77 -11.29
N TYR A 173 16.49 6.70 -10.61
CA TYR A 173 15.32 7.36 -11.17
C TYR A 173 15.42 8.84 -11.53
N GLY A 174 16.51 9.50 -11.18
CA GLY A 174 16.67 10.88 -11.56
C GLY A 174 15.60 11.86 -11.16
N SER A 175 15.06 12.47 -12.21
CA SER A 175 13.99 13.45 -12.16
C SER A 175 12.67 12.95 -11.63
N GLU A 176 12.33 11.72 -11.95
CA GLU A 176 11.07 11.10 -11.60
C GLU A 176 10.72 11.02 -10.13
N VAL A 177 11.70 10.91 -9.25
CA VAL A 177 11.43 10.82 -7.83
C VAL A 177 11.52 12.16 -7.13
N THR A 178 10.47 12.53 -6.42
CA THR A 178 10.37 13.80 -5.73
C THR A 178 10.39 13.68 -4.23
N THR A 179 10.18 14.78 -3.54
CA THR A 179 10.23 14.78 -2.08
C THR A 179 8.97 14.27 -1.46
N LYS A 180 8.00 13.97 -2.29
CA LYS A 180 6.76 13.40 -1.83
C LYS A 180 6.81 11.91 -1.95
N MET A 181 7.98 11.37 -2.23
CA MET A 181 8.18 9.96 -2.39
C MET A 181 9.39 9.48 -1.59
N LEU A 182 9.45 8.19 -1.29
CA LEU A 182 10.56 7.60 -0.60
C LEU A 182 10.93 6.40 -1.41
N CYS A 183 12.18 5.99 -1.39
CA CYS A 183 12.60 4.82 -2.14
C CYS A 183 13.04 3.71 -1.19
N ALA A 184 12.88 2.47 -1.59
CA ALA A 184 13.33 1.34 -0.78
C ALA A 184 13.72 0.20 -1.68
N ALA A 185 14.72 -0.54 -1.28
CA ALA A 185 15.15 -1.67 -2.07
C ALA A 185 15.99 -2.61 -1.27
N ASP A 186 16.19 -3.79 -1.81
CA ASP A 186 17.04 -4.76 -1.18
C ASP A 186 18.44 -4.36 -1.53
N PRO A 187 19.40 -4.55 -0.57
CA PRO A 187 20.75 -4.19 -0.96
C PRO A 187 21.26 -4.99 -2.14
N GLN A 188 20.88 -6.24 -2.28
CA GLN A 188 21.31 -7.01 -3.42
C GLN A 188 20.25 -7.06 -4.51
N TRP A 189 19.19 -6.30 -4.36
CA TRP A 189 18.10 -6.25 -5.35
C TRP A 189 17.35 -7.54 -5.55
N LYS A 190 17.31 -8.40 -4.56
CA LYS A 190 16.60 -9.66 -4.70
C LYS A 190 15.14 -9.67 -4.30
N THR A 191 14.66 -8.67 -3.56
CA THR A 191 13.28 -8.65 -3.14
C THR A 191 12.67 -7.30 -3.30
N ASP A 192 11.42 -7.23 -3.72
CA ASP A 192 10.77 -5.98 -3.95
C ASP A 192 9.28 -6.16 -4.09
N SER A 193 8.55 -5.06 -4.15
CA SER A 193 7.13 -5.05 -4.39
C SER A 193 6.95 -5.11 -5.91
N CYS A 194 5.85 -5.66 -6.34
CA CYS A 194 5.58 -5.78 -7.75
C CYS A 194 4.11 -5.48 -8.02
N GLN A 195 3.57 -5.28 -9.31
CA GLN A 195 2.17 -5.01 -9.67
C GLN A 195 1.28 -5.89 -8.82
N GLY A 196 0.20 -5.30 -8.33
CA GLY A 196 -0.69 -5.92 -7.36
C GLY A 196 -0.43 -5.51 -5.92
N ASP A 197 0.81 -5.12 -5.61
CA ASP A 197 1.15 -4.62 -4.29
C ASP A 197 0.79 -3.14 -4.06
N SER A 198 0.42 -2.42 -5.09
CA SER A 198 0.16 -0.99 -4.95
C SER A 198 -0.99 -0.70 -4.02
N GLY A 199 -0.89 0.40 -3.28
CA GLY A 199 -1.81 0.77 -2.23
C GLY A 199 -1.37 0.23 -0.87
N GLY A 200 -0.49 -0.76 -0.86
CA GLY A 200 -0.08 -1.42 0.35
C GLY A 200 0.98 -0.69 1.18
N PRO A 201 1.17 -1.13 2.44
CA PRO A 201 2.05 -0.44 3.36
C PRO A 201 3.56 -0.67 3.23
N LEU A 202 4.31 0.40 3.42
CA LEU A 202 5.71 0.31 3.76
C LEU A 202 5.78 0.65 5.25
N VAL A 203 6.09 -0.36 6.07
CA VAL A 203 6.06 -0.21 7.54
C VAL A 203 7.44 -0.24 8.14
N CYS A 204 7.78 0.85 8.84
CA CYS A 204 9.03 1.00 9.56
C CYS A 204 8.77 1.25 11.05
N SER A 205 9.72 0.82 11.87
CA SER A 205 9.68 1.02 13.31
C SER A 205 10.17 2.44 13.54
N LEU A 206 9.28 3.29 14.06
CA LEU A 206 9.62 4.68 14.35
C LEU A 206 9.09 5.05 15.76
N GLN A 207 10.03 5.37 16.66
CA GLN A 207 9.71 5.60 18.10
C GLN A 207 9.01 4.38 18.74
N GLY A 208 9.65 3.21 18.65
CA GLY A 208 9.19 1.97 19.31
C GLY A 208 7.83 1.43 18.86
N ARG A 209 7.43 1.87 17.67
CA ARG A 209 6.08 1.69 17.20
C ARG A 209 6.14 1.42 15.68
N MET A 210 5.38 0.42 15.24
CA MET A 210 5.20 0.17 13.80
C MET A 210 4.42 1.35 13.24
N THR A 211 4.95 1.93 12.18
CA THR A 211 4.43 3.17 11.61
C THR A 211 4.40 3.14 10.09
N LEU A 212 3.28 3.59 9.54
CA LEU A 212 3.05 3.62 8.10
C LEU A 212 3.83 4.75 7.45
N THR A 213 5.06 4.41 7.06
CA THR A 213 5.98 5.37 6.47
C THR A 213 5.73 5.58 4.98
N GLY A 214 5.23 4.55 4.27
CA GLY A 214 5.01 4.70 2.84
C GLY A 214 3.81 3.97 2.29
N ILE A 215 3.41 4.31 1.06
CA ILE A 215 2.39 3.56 0.31
C ILE A 215 2.95 3.07 -1.04
N VAL A 216 2.80 1.77 -1.34
CA VAL A 216 3.39 1.20 -2.53
C VAL A 216 2.80 1.95 -3.75
N SER A 217 3.69 2.54 -4.56
CA SER A 217 3.29 3.38 -5.71
C SER A 217 3.78 2.83 -7.07
N TRP A 218 5.10 2.87 -7.27
CA TRP A 218 5.70 2.50 -8.55
C TRP A 218 7.15 2.11 -8.49
N GLY A 219 7.63 1.62 -9.60
CA GLY A 219 9.01 1.24 -9.77
C GLY A 219 9.17 0.90 -11.22
N ARG A 220 10.39 0.66 -11.68
CA ARG A 220 10.62 0.23 -13.05
C ARG A 220 10.84 -1.26 -12.94
N GLY A 221 9.89 -2.06 -13.39
CA GLY A 221 9.98 -3.49 -13.28
C GLY A 221 9.75 -3.83 -11.83
N CYS A 222 10.11 -5.03 -11.42
CA CYS A 222 10.00 -5.46 -10.03
C CYS A 222 11.37 -6.11 -9.72
N ALA A 223 12.02 -5.75 -8.64
CA ALA A 223 13.32 -6.32 -8.24
C ALA A 223 14.43 -6.34 -9.28
N LEU A 224 14.60 -5.22 -9.94
CA LEU A 224 15.57 -5.00 -10.98
C LEU A 224 16.69 -4.20 -10.39
N LYS A 225 17.92 -4.46 -10.79
CA LYS A 225 19.04 -3.72 -10.25
C LYS A 225 18.95 -2.24 -10.55
N ASP A 226 19.26 -1.43 -9.54
CA ASP A 226 19.40 0.00 -9.67
C ASP A 226 18.06 0.65 -9.82
N LYS A 227 17.01 -0.13 -9.62
CA LYS A 227 15.67 0.37 -9.80
C LYS A 227 14.81 0.08 -8.58
N PRO A 228 14.97 0.86 -7.53
CA PRO A 228 14.28 0.61 -6.26
C PRO A 228 12.75 0.80 -6.29
N GLY A 229 12.07 0.31 -5.26
CA GLY A 229 10.63 0.53 -5.11
C GLY A 229 10.41 1.99 -4.75
N VAL A 230 9.34 2.60 -5.28
CA VAL A 230 9.01 3.97 -4.92
C VAL A 230 7.67 4.00 -4.23
N TYR A 231 7.59 4.84 -3.21
CA TYR A 231 6.53 4.80 -2.26
C TYR A 231 6.06 6.22 -1.99
N THR A 232 4.75 6.40 -1.89
CA THR A 232 4.22 7.68 -1.47
C THR A 232 4.62 7.93 -0.02
N ARG A 233 5.11 9.13 0.26
CA ARG A 233 5.77 9.45 1.51
C ARG A 233 4.77 10.04 2.50
N VAL A 234 4.25 9.19 3.38
CA VAL A 234 3.09 9.54 4.21
C VAL A 234 3.30 10.78 5.10
N SER A 235 4.52 10.93 5.62
CA SER A 235 4.86 12.02 6.55
C SER A 235 4.68 13.40 5.93
N HIS A 236 4.68 13.48 4.59
CA HIS A 236 4.48 14.74 3.87
C HIS A 236 3.06 14.90 3.35
N PHE A 237 2.11 14.15 3.92
CA PHE A 237 0.69 14.23 3.52
C PHE A 237 -0.24 14.27 4.73
N LEU A 238 0.28 14.47 5.93
CA LEU A 238 -0.59 14.45 7.10
C LEU A 238 -1.72 15.48 7.02
N PRO A 239 -1.40 16.72 6.60
CA PRO A 239 -2.48 17.72 6.50
C PRO A 239 -3.59 17.28 5.54
N TRP A 240 -3.21 16.71 4.40
CA TRP A 240 -4.20 16.16 3.48
C TRP A 240 -5.01 15.08 4.16
N ILE A 241 -4.33 14.21 4.91
CA ILE A 241 -5.00 13.07 5.54
C ILE A 241 -5.96 13.54 6.63
N ARG A 242 -5.49 14.44 7.49
CA ARG A 242 -6.30 14.93 8.62
C ARG A 242 -7.50 15.70 8.11
N SER A 243 -7.26 16.52 7.08
CA SER A 243 -8.32 17.33 6.52
C SER A 243 -9.38 16.41 5.96
N HIS A 244 -8.95 15.47 5.13
CA HIS A 244 -9.89 14.59 4.45
C HIS A 244 -10.53 13.52 5.33
N THR A 245 -10.03 13.32 6.56
CA THR A 245 -10.63 12.37 7.53
C THR A 245 -11.36 13.02 8.72
N LYS A 246 -11.59 14.33 8.65
CA LYS A 246 -12.08 15.12 9.78
C LYS A 246 -13.50 14.74 10.22
C5 7YF B . 4.42 1.04 -12.82
O2 7YF B . 5.12 0.61 -11.95
C4 7YF B . 4.93 1.04 -14.21
N1 7YF B . 5.02 -0.29 -14.75
C3 7YF B . 6.39 1.44 -14.18
C2 7YF B . 7.24 0.32 -14.72
C1 7YF B . 6.23 -0.74 -14.94
O1 7YF B . 6.55 -1.86 -15.22
N2 7YF B . 3.23 1.55 -12.59
C6 7YF B . 2.59 1.60 -11.30
C7 7YF B . 2.46 0.19 -10.81
O3 7YF B . 2.32 -0.70 -11.58
N3 7YF B . 2.50 -0.01 -9.52
C8 7YF B . 2.38 -1.34 -8.96
C9 7YF B . 1.08 -1.68 -8.41
O4 7YF B . 0.09 -1.60 -9.09
C10 7YF B . 3.46 -1.43 -7.89
C11 7YF B . 4.77 -1.87 -8.47
C12 7YF B . 5.92 -1.66 -7.51
N4 7YF B . 7.16 -1.89 -8.20
C13 7YF B . 8.32 -2.00 -7.61
N6 7YF B . 8.41 -1.86 -6.32
N5 7YF B . 9.33 -2.27 -8.28
#